data_7SOD
#
_entry.id   7SOD
#
loop_
_entity.id
_entity.type
_entity.pdbx_description
1 polymer 'S2L20 Fab light chain'
2 polymer 'S2L20 Fab heavy chain'
3 polymer 'Spike glycoprotein'
4 branched 2-acetamido-2-deoxy-beta-D-glucopyranose-(1-4)-2-acetamido-2-deoxy-beta-D-glucopyranose
5 non-polymer 2-acetamido-2-deoxy-beta-D-glucopyranose
#
loop_
_entity_poly.entity_id
_entity_poly.type
_entity_poly.pdbx_seq_one_letter_code
_entity_poly.pdbx_strand_id
1 'polypeptide(L)'
;VIWMTQSPSSLSASVGDRVTITCQASQDIRFYLNWYQQKPGKAPKLLISDASNMETGVPSRFSGSGSGTDFTFTISSLQP
EDIATYYCQQYDNLPFTFGPGTKVDFK
;
L
2 'polypeptide(L)'
;EVQLVESGGGVVQPGGSLRLSCAASGFTFNSYGMHWVRQAPGKGLEWVAFIRYDGGNKYYADSVKGRFTISRDNSKNTLY
LQMKSLRAEDTAVYYCANLKDSRYSGSYYDYWGQGTLVTVS
;
H
3 'polypeptide(L)'
;MFVFLVLLPLVSSQCVNLTTRTQLPPAYTNSFTRGVYYPDKVFRSSVLHSTQDLFLPFFSNVTWFHAIHVSGTNGTKRFD
NPVLPFNDGVYFASIEKSNIIRGWIFGTTLDSKTQSLLIVNNATNVVIKVCEFQFCNDPFLDVYYHKNNKSWMKSEFRVY
SSANNCTFEYVSQPFLMDLEGKQGNFKNLREFVFKNIDGYFKIYSKHTPINLVRDLPQGFSALEPLVDLPIGINITRFQT
LLALHRSYLTPGDSSSGWTAGAAAYYVGYLQPRTFLLKYNENGTITDAVDCALDPLSETKCTLKSFTVEKGIYQTSNFRV
QPTESIVRFPNITNLCPFGEVFNATRFASVYAWNRKRISNCVADYSVLYNSASFSTFKCYGVCPTKLNDLCFTNVYADSF
VIRGDEVRQIAPGQTGKIADYNYKLPDDFTGCVIAWNSNNLDSKVGGNYNYRYRLFRKSNLKPFERDISTEIYQAGSTPC
NGVQGFNCYFPLQSYGFQPTNGVGYQPYRVVVLSFELLHAPATVCGPKKSTNLVKNKCVNFNFNGLTGTGVLTESNKKFL
PFQQFGRDIADTTDAVRDPQTLEILDITPCSFGGVSVITPGTNTSNQVAVLYQGVNCTEVPVAIHADQLTPTWRVYSTGS
NVFQTRAGCLIGAEHVNNSYECDIPIGAGICASYQTQTNSRRRARSVASQSIIAYTMSLGAENSVAYSNNSIAIPTNFTI
SVTTEILPVSMTKTSVDCTMYICGDSTECSNLLLQYGSFCTQLNRALTGIAVEQDKNTQEVFAQVKQIYKTPPIKDFGGF
NFSQILPDPSKPSKRSPIEDLLFNKVTLADAGFIKQYGDCLGDIAARDLICAQKFNGLTVLPPLLTDEMIAQYTSALLAG
TITSGWTFGAGPALQIPFPMQMAYRFNGIGVTQNVLYENQKLIANQFNSAIGKIQDSLSSTPSALGKLQDVVNQNAQALN
TLVKQLSSNFGAISSVLNDILSRLCPPEAEVQIDRLITGRLQSLQTYVTQQLIRAAEIRASANLAATKMSECVLGQSKRV
DFCGKGYHLMSFPQSAPHGVVFLHVTYVPAHEKNFTTAPAICHDGKAHFPREGVFVSNGTHWFVTQRNFYEPQIITTDNT
FVSGNCDVVIGIVNNTVYDPLQPELDSFKEELDKYFKNHTSPDVDLGDISGINASVVNIQKEIDRLNEVAKNLNESLIDL
QELGKYEQGSGYIPEAPRDGQAYVRKDGEWVLLSTFLGRSLEVLFQGPGSGGLNDIFEAQKIEWHEGSGHHHHHHHH
;
A
#
# COMPACT_ATOMS: atom_id res chain seq x y z
N VAL A 1 -9.14 -20.59 8.05
CA VAL A 1 -7.82 -20.78 7.48
C VAL A 1 -7.92 -21.45 6.11
N ILE A 2 -7.20 -20.88 5.14
CA ILE A 2 -7.11 -21.44 3.78
C ILE A 2 -5.82 -22.23 3.66
N TRP A 3 -5.91 -23.54 3.43
CA TRP A 3 -4.70 -24.38 3.35
C TRP A 3 -4.21 -24.57 1.96
N MET A 4 -2.91 -24.46 1.78
CA MET A 4 -2.27 -24.52 0.47
C MET A 4 -1.46 -25.80 0.32
N THR A 5 -1.43 -26.33 -0.90
CA THR A 5 -0.64 -27.51 -1.20
C THR A 5 0.02 -27.37 -2.56
N GLN A 6 1.13 -28.06 -2.76
CA GLN A 6 1.85 -28.02 -4.03
C GLN A 6 2.27 -29.39 -4.49
N SER A 7 2.36 -29.57 -5.81
CA SER A 7 2.74 -30.84 -6.41
C SER A 7 3.47 -30.64 -7.73
N PRO A 8 4.54 -31.41 -7.96
CA PRO A 8 5.15 -32.43 -7.12
C PRO A 8 5.91 -31.77 -5.98
N SER A 9 6.27 -32.53 -4.95
CA SER A 9 7.07 -31.99 -3.86
C SER A 9 8.47 -31.63 -4.34
N SER A 10 8.94 -32.36 -5.35
CA SER A 10 10.23 -32.10 -5.95
C SER A 10 10.27 -32.64 -7.36
N LEU A 11 11.05 -32.00 -8.22
CA LEU A 11 11.21 -32.45 -9.59
C LEU A 11 12.64 -32.23 -10.07
N SER A 12 13.09 -33.09 -10.97
CA SER A 12 14.41 -32.93 -11.58
C SER A 12 14.26 -32.61 -13.05
N ALA A 13 14.98 -31.59 -13.51
CA ALA A 13 14.93 -31.22 -14.92
C ALA A 13 16.27 -30.64 -15.37
N SER A 14 16.55 -30.76 -16.66
CA SER A 14 17.80 -30.26 -17.22
C SER A 14 17.58 -28.94 -17.93
N VAL A 15 18.66 -28.33 -18.39
CA VAL A 15 18.57 -27.04 -19.04
C VAL A 15 17.84 -27.18 -20.37
N GLY A 16 16.84 -26.33 -20.57
CA GLY A 16 16.04 -26.35 -21.79
C GLY A 16 14.70 -27.06 -21.59
N ASP A 17 14.57 -27.80 -20.49
CA ASP A 17 13.33 -28.51 -20.20
C ASP A 17 12.23 -27.56 -19.76
N ARG A 18 10.99 -27.95 -20.00
CA ARG A 18 9.86 -27.18 -19.52
C ARG A 18 9.46 -27.67 -18.12
N VAL A 19 9.36 -26.75 -17.18
CA VAL A 19 9.05 -27.12 -15.81
C VAL A 19 7.72 -26.53 -15.34
N THR A 20 6.83 -27.40 -14.88
CA THR A 20 5.54 -26.96 -14.39
C THR A 20 5.34 -27.34 -12.93
N ILE A 21 4.84 -26.39 -12.14
CA ILE A 21 4.56 -26.58 -10.73
C ILE A 21 3.10 -26.26 -10.42
N THR A 22 2.40 -27.17 -9.76
CA THR A 22 0.99 -26.98 -9.45
C THR A 22 0.79 -26.51 -8.00
N CYS A 23 -0.06 -25.50 -7.82
CA CYS A 23 -0.47 -24.99 -6.52
C CYS A 23 -1.98 -25.02 -6.37
N GLN A 24 -2.47 -25.53 -5.26
CA GLN A 24 -3.90 -25.63 -5.03
C GLN A 24 -4.30 -25.03 -3.70
N ALA A 25 -5.54 -24.56 -3.63
CA ALA A 25 -6.07 -23.98 -2.40
C ALA A 25 -7.30 -24.77 -1.94
N SER A 26 -7.45 -24.89 -0.62
CA SER A 26 -8.62 -25.56 -0.05
C SER A 26 -9.88 -24.72 -0.21
N GLN A 27 -9.70 -23.44 -0.52
CA GLN A 27 -10.82 -22.53 -0.72
C GLN A 27 -10.58 -21.70 -1.97
N ASP A 28 -11.67 -21.19 -2.54
CA ASP A 28 -11.59 -20.34 -3.72
C ASP A 28 -10.97 -18.99 -3.36
N ILE A 29 -9.80 -18.71 -3.94
CA ILE A 29 -9.07 -17.48 -3.65
C ILE A 29 -8.95 -16.61 -4.90
N ARG A 30 -9.89 -16.78 -5.82
CA ARG A 30 -9.91 -15.99 -7.05
C ARG A 30 -8.53 -15.99 -7.71
N PHE A 31 -7.89 -14.83 -7.77
CA PHE A 31 -6.59 -14.74 -8.44
C PHE A 31 -5.51 -14.19 -7.51
N TYR A 32 -5.77 -14.20 -6.21
CA TYR A 32 -4.87 -13.58 -5.27
C TYR A 32 -3.77 -14.52 -4.79
N LEU A 33 -2.93 -14.94 -5.73
CA LEU A 33 -1.82 -15.83 -5.43
C LEU A 33 -0.48 -15.20 -5.80
N ASN A 34 0.50 -15.32 -4.91
CA ASN A 34 1.88 -14.89 -5.18
C ASN A 34 2.80 -16.09 -5.39
N TRP A 35 3.75 -15.97 -6.30
CA TRP A 35 4.77 -17.00 -6.46
C TRP A 35 6.16 -16.49 -6.09
N TYR A 36 6.85 -17.22 -5.23
CA TYR A 36 8.17 -16.86 -4.75
C TYR A 36 9.23 -17.88 -5.17
N GLN A 37 10.45 -17.40 -5.36
CA GLN A 37 11.60 -18.25 -5.63
C GLN A 37 12.68 -18.06 -4.59
N GLN A 38 13.02 -19.13 -3.87
CA GLN A 38 14.03 -19.03 -2.83
C GLN A 38 15.25 -19.90 -3.09
N LYS A 39 16.42 -19.30 -3.03
CA LYS A 39 17.67 -20.03 -3.12
C LYS A 39 18.25 -20.14 -1.72
N PRO A 40 18.98 -21.21 -1.40
CA PRO A 40 19.57 -21.47 -0.11
C PRO A 40 20.38 -20.28 0.40
N GLY A 41 20.13 -19.88 1.63
CA GLY A 41 20.87 -18.80 2.27
C GLY A 41 20.29 -17.41 1.99
N LYS A 42 19.28 -17.33 1.13
CA LYS A 42 18.71 -16.05 0.76
C LYS A 42 17.22 -15.94 1.07
N ALA A 43 16.73 -14.72 1.23
CA ALA A 43 15.30 -14.49 1.38
C ALA A 43 14.60 -14.77 0.05
N PRO A 44 13.33 -15.19 0.06
CA PRO A 44 12.49 -15.41 -1.10
C PRO A 44 12.33 -14.17 -1.98
N LYS A 45 12.34 -14.39 -3.29
CA LYS A 45 12.08 -13.31 -4.24
C LYS A 45 10.73 -13.50 -4.92
N LEU A 46 9.96 -12.42 -5.03
CA LEU A 46 8.66 -12.51 -5.70
C LEU A 46 8.84 -12.49 -7.21
N LEU A 47 8.22 -13.46 -7.89
CA LEU A 47 8.29 -13.51 -9.35
C LEU A 47 6.96 -13.13 -9.99
N ILE A 48 5.86 -13.65 -9.42
CA ILE A 48 4.54 -13.43 -9.99
C ILE A 48 3.54 -13.02 -8.92
N SER A 49 2.73 -12.01 -9.21
CA SER A 49 1.67 -11.61 -8.31
C SER A 49 0.33 -11.66 -9.03
N ASP A 50 -0.75 -11.64 -8.26
CA ASP A 50 -2.10 -11.66 -8.84
C ASP A 50 -2.25 -12.82 -9.80
N ALA A 51 -1.69 -13.98 -9.44
CA ALA A 51 -1.75 -15.21 -10.24
C ALA A 51 -0.87 -15.18 -11.49
N SER A 52 -0.97 -14.10 -12.28
CA SER A 52 -0.30 -14.09 -13.59
C SER A 52 0.45 -12.81 -13.94
N ASN A 53 0.54 -11.84 -13.03
CA ASN A 53 1.24 -10.60 -13.33
C ASN A 53 2.72 -10.68 -13.01
N MET A 54 3.57 -10.56 -14.03
CA MET A 54 5.00 -10.70 -13.83
C MET A 54 5.59 -9.48 -13.14
N GLU A 55 6.52 -9.71 -12.22
CA GLU A 55 7.22 -8.61 -11.57
C GLU A 55 8.28 -8.03 -12.49
N THR A 56 8.53 -6.73 -12.34
CA THR A 56 9.54 -6.07 -13.14
C THR A 56 10.91 -6.68 -12.88
N GLY A 57 11.62 -7.00 -13.94
CA GLY A 57 12.96 -7.57 -13.83
C GLY A 57 12.96 -9.09 -13.98
N VAL A 58 11.77 -9.70 -13.93
CA VAL A 58 11.66 -11.14 -14.06
C VAL A 58 11.72 -11.55 -15.54
N PRO A 59 12.61 -12.49 -15.90
CA PRO A 59 12.81 -13.02 -17.23
C PRO A 59 11.50 -13.51 -17.84
N SER A 60 11.36 -13.31 -19.15
CA SER A 60 10.14 -13.64 -19.87
C SER A 60 9.86 -15.14 -19.95
N ARG A 61 10.86 -15.94 -19.58
CA ARG A 61 10.70 -17.39 -19.59
C ARG A 61 9.79 -17.85 -18.46
N PHE A 62 9.56 -16.98 -17.48
CA PHE A 62 8.66 -17.30 -16.37
C PHE A 62 7.24 -16.87 -16.70
N SER A 63 6.27 -17.70 -16.34
CA SER A 63 4.87 -17.35 -16.51
C SER A 63 4.00 -18.10 -15.54
N GLY A 64 2.73 -17.75 -15.49
CA GLY A 64 1.78 -18.44 -14.62
C GLY A 64 0.35 -18.04 -14.93
N SER A 65 -0.59 -18.87 -14.49
CA SER A 65 -2.00 -18.63 -14.74
C SER A 65 -2.87 -19.47 -13.81
N GLY A 66 -4.16 -19.21 -13.82
CA GLY A 66 -5.11 -20.00 -13.06
C GLY A 66 -5.94 -19.14 -12.14
N SER A 67 -6.99 -19.74 -11.60
CA SER A 67 -7.90 -19.03 -10.70
C SER A 67 -8.66 -20.00 -9.82
N GLY A 68 -9.26 -19.47 -8.76
CA GLY A 68 -10.08 -20.28 -7.87
C GLY A 68 -9.23 -21.14 -6.98
N THR A 69 -9.20 -22.44 -7.26
CA THR A 69 -8.48 -23.39 -6.44
C THR A 69 -7.31 -24.06 -7.16
N ASP A 70 -7.11 -23.74 -8.44
CA ASP A 70 -6.08 -24.43 -9.21
C ASP A 70 -5.19 -23.48 -10.02
N PHE A 71 -3.93 -23.40 -9.64
CA PHE A 71 -2.97 -22.49 -10.26
C PHE A 71 -1.74 -23.21 -10.79
N THR A 72 -1.15 -22.69 -11.86
CA THR A 72 0.06 -23.27 -12.43
C THR A 72 1.18 -22.25 -12.61
N PHE A 73 2.39 -22.66 -12.22
CA PHE A 73 3.61 -21.90 -12.45
C PHE A 73 4.46 -22.62 -13.49
N THR A 74 4.92 -21.89 -14.49
CA THR A 74 5.66 -22.51 -15.58
C THR A 74 6.97 -21.81 -15.92
N ILE A 75 8.00 -22.62 -16.17
CA ILE A 75 9.24 -22.12 -16.76
C ILE A 75 9.37 -22.73 -18.15
N SER A 76 9.27 -21.89 -19.18
CA SER A 76 9.23 -22.40 -20.55
C SER A 76 10.53 -23.08 -20.98
N SER A 77 11.64 -22.62 -20.43
CA SER A 77 12.95 -23.18 -20.73
C SER A 77 13.89 -23.02 -19.54
N LEU A 78 14.02 -24.08 -18.76
CA LEU A 78 14.79 -24.02 -17.52
C LEU A 78 16.24 -23.63 -17.77
N GLN A 79 16.72 -22.67 -17.00
CA GLN A 79 18.11 -22.25 -17.04
C GLN A 79 18.83 -22.85 -15.84
N PRO A 80 20.16 -22.97 -15.88
CA PRO A 80 21.00 -23.45 -14.80
C PRO A 80 20.90 -22.57 -13.54
N GLU A 81 20.43 -21.35 -13.72
CA GLU A 81 20.29 -20.40 -12.62
C GLU A 81 18.92 -20.49 -11.95
N ASP A 82 18.05 -21.36 -12.47
CA ASP A 82 16.67 -21.45 -11.99
C ASP A 82 16.49 -22.59 -11.00
N ILE A 83 17.59 -23.11 -10.46
CA ILE A 83 17.50 -24.19 -9.51
C ILE A 83 17.26 -23.61 -8.12
N ALA A 84 16.01 -23.76 -7.66
CA ALA A 84 15.55 -23.10 -6.44
C ALA A 84 14.27 -23.78 -5.95
N THR A 85 13.84 -23.42 -4.74
CA THR A 85 12.57 -23.91 -4.22
C THR A 85 11.49 -22.86 -4.44
N TYR A 86 10.41 -23.26 -5.08
CA TYR A 86 9.34 -22.32 -5.40
C TYR A 86 8.15 -22.48 -4.46
N TYR A 87 7.65 -21.36 -3.95
CA TYR A 87 6.53 -21.37 -3.03
C TYR A 87 5.37 -20.58 -3.61
N CYS A 88 4.14 -21.02 -3.33
CA CYS A 88 2.95 -20.21 -3.64
C CYS A 88 2.35 -19.66 -2.34
N GLN A 89 1.79 -18.46 -2.42
CA GLN A 89 1.18 -17.83 -1.27
C GLN A 89 -0.20 -17.28 -1.56
N GLN A 90 -1.15 -17.55 -0.70
CA GLN A 90 -2.46 -16.94 -0.85
C GLN A 90 -2.57 -15.77 0.10
N TYR A 91 -3.09 -14.66 -0.40
CA TYR A 91 -3.30 -13.49 0.44
C TYR A 91 -4.74 -13.02 0.33
N ASP A 92 -5.63 -13.94 -0.01
CA ASP A 92 -7.05 -13.63 -0.14
C ASP A 92 -7.66 -13.39 1.22
N ASN A 93 -7.22 -14.14 2.22
CA ASN A 93 -7.75 -13.99 3.56
C ASN A 93 -6.69 -14.20 4.63
N LEU A 94 -6.85 -13.49 5.73
CA LEU A 94 -5.94 -13.59 6.87
C LEU A 94 -6.39 -14.72 7.80
N PRO A 95 -5.45 -15.51 8.29
CA PRO A 95 -4.00 -15.46 8.14
C PRO A 95 -3.56 -15.85 6.73
N PHE A 96 -2.43 -15.27 6.29
CA PHE A 96 -1.85 -15.61 5.01
C PHE A 96 -1.10 -16.92 5.14
N THR A 97 -1.02 -17.67 4.05
CA THR A 97 -0.32 -18.95 4.10
C THR A 97 0.57 -19.20 2.90
N PHE A 98 1.63 -19.96 3.12
CA PHE A 98 2.52 -20.41 2.04
C PHE A 98 2.32 -21.90 1.81
N GLY A 99 2.54 -22.35 0.58
CA GLY A 99 2.48 -23.77 0.30
C GLY A 99 3.77 -24.45 0.78
N PRO A 100 3.80 -25.78 0.78
CA PRO A 100 4.91 -26.63 1.21
C PRO A 100 6.23 -26.27 0.53
N GLY A 101 6.16 -25.88 -0.73
CA GLY A 101 7.35 -25.53 -1.50
C GLY A 101 7.76 -26.67 -2.42
N THR A 102 8.00 -26.34 -3.68
CA THR A 102 8.42 -27.34 -4.67
C THR A 102 9.88 -27.17 -4.99
N LYS A 103 10.67 -28.21 -4.74
CA LYS A 103 12.09 -28.13 -4.97
C LYS A 103 12.46 -28.57 -6.37
N VAL A 104 13.10 -27.68 -7.13
CA VAL A 104 13.56 -28.02 -8.46
C VAL A 104 15.05 -28.34 -8.43
N ASP A 105 15.40 -29.54 -8.84
CA ASP A 105 16.81 -29.95 -8.87
C ASP A 105 17.37 -29.88 -10.27
N PHE A 106 18.66 -30.18 -10.40
CA PHE A 106 19.33 -30.14 -11.69
C PHE A 106 19.61 -31.56 -12.19
N LYS A 107 18.98 -31.93 -13.32
CA LYS A 107 19.11 -33.26 -13.89
C LYS A 107 20.32 -33.31 -14.83
N GLU B 1 19.03 0.59 -2.22
CA GLU B 1 18.58 1.69 -1.37
C GLU B 1 17.71 1.20 -0.23
N VAL B 2 16.72 0.36 -0.55
CA VAL B 2 15.78 -0.17 0.43
C VAL B 2 16.39 -1.30 1.25
N GLN B 3 16.32 -1.16 2.56
CA GLN B 3 16.87 -2.17 3.45
C GLN B 3 15.93 -2.51 4.59
N LEU B 4 16.00 -3.76 5.02
CA LEU B 4 15.33 -4.23 6.22
C LEU B 4 16.33 -5.06 7.04
N VAL B 5 16.61 -4.62 8.26
CA VAL B 5 17.62 -5.29 9.06
C VAL B 5 17.08 -5.82 10.38
N GLU B 6 17.07 -7.14 10.51
CA GLU B 6 16.60 -7.78 11.74
C GLU B 6 17.69 -7.84 12.79
N SER B 7 17.28 -7.77 14.06
CA SER B 7 18.18 -7.93 15.18
C SER B 7 17.44 -8.44 16.40
N GLY B 8 18.18 -8.86 17.42
CA GLY B 8 17.56 -9.33 18.66
C GLY B 8 17.47 -10.85 18.71
N GLY B 9 18.14 -11.52 17.79
CA GLY B 9 18.13 -12.98 17.78
C GLY B 9 19.06 -13.50 18.87
N GLY B 10 19.25 -14.82 18.92
CA GLY B 10 20.09 -15.40 19.96
C GLY B 10 19.51 -16.72 20.48
N VAL B 11 20.02 -17.15 21.63
CA VAL B 11 19.63 -18.44 22.21
C VAL B 11 18.91 -18.23 23.53
N VAL B 12 17.70 -18.79 23.64
CA VAL B 12 16.91 -18.68 24.85
C VAL B 12 16.45 -20.05 25.33
N GLN B 13 15.97 -20.11 26.58
CA GLN B 13 15.45 -21.35 27.13
C GLN B 13 13.95 -21.45 26.86
N PRO B 14 13.40 -22.67 26.79
CA PRO B 14 11.99 -22.97 26.69
C PRO B 14 11.22 -22.27 27.82
N GLY B 15 10.13 -21.63 27.46
CA GLY B 15 9.30 -20.91 28.42
C GLY B 15 9.77 -19.47 28.59
N GLY B 16 10.90 -19.14 27.97
CA GLY B 16 11.46 -17.80 28.07
C GLY B 16 10.86 -16.86 27.04
N SER B 17 11.50 -15.72 26.83
CA SER B 17 11.00 -14.72 25.91
C SER B 17 12.12 -14.03 25.16
N LEU B 18 11.79 -13.45 24.02
CA LEU B 18 12.77 -12.75 23.21
C LEU B 18 12.09 -11.66 22.37
N ARG B 19 12.68 -10.47 22.34
CA ARG B 19 12.12 -9.37 21.57
C ARG B 19 12.95 -9.10 20.32
N LEU B 20 12.35 -9.28 19.16
CA LEU B 20 13.03 -9.04 17.90
C LEU B 20 12.67 -7.67 17.37
N SER B 21 13.55 -7.09 16.56
CA SER B 21 13.24 -5.83 15.92
C SER B 21 13.77 -5.80 14.50
N CYS B 22 13.18 -4.92 13.67
CA CYS B 22 13.58 -4.73 12.28
C CYS B 22 13.67 -3.25 11.94
N ALA B 23 14.87 -2.81 11.57
CA ALA B 23 15.09 -1.42 11.20
C ALA B 23 14.82 -1.23 9.72
N ALA B 24 13.91 -0.31 9.40
CA ALA B 24 13.54 -0.08 8.01
C ALA B 24 14.09 1.23 7.51
N SER B 25 14.55 1.24 6.26
CA SER B 25 15.01 2.47 5.63
C SER B 25 14.92 2.39 4.11
N GLY B 26 14.90 3.55 3.46
CA GLY B 26 14.90 3.63 2.00
C GLY B 26 13.50 3.66 1.41
N PHE B 27 12.49 3.54 2.25
CA PHE B 27 11.11 3.55 1.78
C PHE B 27 10.17 4.12 2.83
N THR B 28 8.96 4.44 2.41
CA THR B 28 7.97 5.06 3.29
C THR B 28 7.36 4.08 4.26
N PHE B 29 8.16 3.65 5.23
CA PHE B 29 7.77 2.65 6.23
C PHE B 29 6.42 2.96 6.86
N ASN B 30 6.19 4.22 7.19
CA ASN B 30 4.99 4.61 7.93
C ASN B 30 3.70 4.57 7.11
N SER B 31 3.80 4.19 5.83
CA SER B 31 2.62 4.08 5.00
C SER B 31 2.27 2.63 4.69
N TYR B 32 3.17 1.71 5.04
CA TYR B 32 2.98 0.31 4.69
C TYR B 32 2.71 -0.55 5.91
N GLY B 33 1.91 -1.59 5.72
CA GLY B 33 1.77 -2.62 6.74
C GLY B 33 3.00 -3.52 6.66
N MET B 34 3.24 -4.29 7.71
CA MET B 34 4.42 -5.16 7.73
C MET B 34 4.11 -6.56 8.21
N HIS B 35 4.88 -7.53 7.70
CA HIS B 35 4.70 -8.92 8.05
C HIS B 35 5.94 -9.52 8.70
N TRP B 36 5.72 -10.52 9.55
CA TRP B 36 6.80 -11.38 10.01
C TRP B 36 6.60 -12.77 9.42
N VAL B 37 7.67 -13.35 8.91
CA VAL B 37 7.68 -14.69 8.35
C VAL B 37 8.86 -15.45 8.94
N ARG B 38 8.67 -16.71 9.29
CA ARG B 38 9.78 -17.48 9.84
C ARG B 38 10.03 -18.73 9.04
N GLN B 39 11.28 -19.19 9.05
CA GLN B 39 11.65 -20.41 8.35
C GLN B 39 12.54 -21.31 9.17
N ALA B 40 11.99 -22.42 9.65
CA ALA B 40 12.76 -23.38 10.43
C ALA B 40 13.77 -24.07 9.50
N PRO B 41 14.90 -24.54 10.02
CA PRO B 41 15.90 -25.31 9.29
C PRO B 41 15.27 -26.51 8.60
N GLY B 42 15.47 -26.60 7.28
CA GLY B 42 14.97 -27.72 6.50
C GLY B 42 13.48 -27.61 6.17
N LYS B 43 12.86 -26.50 6.55
CA LYS B 43 11.43 -26.33 6.35
C LYS B 43 11.12 -25.19 5.38
N GLY B 44 9.84 -25.05 5.03
CA GLY B 44 9.40 -23.99 4.14
C GLY B 44 9.06 -22.72 4.91
N LEU B 45 8.42 -21.78 4.22
CA LEU B 45 8.10 -20.49 4.82
C LEU B 45 6.81 -20.56 5.63
N GLU B 46 6.83 -19.97 6.82
CA GLU B 46 5.65 -19.92 7.66
C GLU B 46 5.32 -18.49 8.04
N TRP B 47 4.10 -18.07 7.74
CA TRP B 47 3.66 -16.71 8.06
C TRP B 47 3.38 -16.60 9.56
N VAL B 48 3.83 -15.52 10.18
CA VAL B 48 3.68 -15.36 11.63
C VAL B 48 2.67 -14.28 12.02
N ALA B 49 2.87 -13.06 11.55
CA ALA B 49 2.01 -11.96 11.99
C ALA B 49 2.00 -10.79 11.01
N PHE B 50 0.93 -10.00 11.07
CA PHE B 50 0.78 -8.79 10.25
C PHE B 50 0.24 -7.62 11.04
N ILE B 51 0.83 -6.44 10.82
CA ILE B 51 0.37 -5.22 11.46
C ILE B 51 0.11 -4.13 10.42
N ARG B 52 -0.99 -3.40 10.59
CA ARG B 52 -1.33 -2.34 9.65
C ARG B 52 -0.45 -1.10 9.83
N TYR B 53 -0.43 -0.26 8.80
CA TYR B 53 0.43 0.93 8.76
C TYR B 53 0.28 1.86 9.96
N ASP B 54 -0.92 1.94 10.53
CA ASP B 54 -1.16 2.86 11.63
C ASP B 54 -0.88 2.23 12.98
N GLY B 55 -0.47 0.97 12.97
CA GLY B 55 -0.21 0.25 14.21
C GLY B 55 -1.51 -0.12 14.90
N GLY B 56 -2.60 -0.14 14.14
CA GLY B 56 -3.92 -0.43 14.68
C GLY B 56 -4.21 -1.92 14.75
N ASN B 57 -4.81 -2.45 13.68
CA ASN B 57 -5.19 -3.85 13.66
C ASN B 57 -3.97 -4.76 13.60
N LYS B 58 -4.05 -5.88 14.31
CA LYS B 58 -2.98 -6.88 14.35
C LYS B 58 -3.54 -8.26 14.08
N TYR B 59 -2.81 -9.05 13.31
CA TYR B 59 -3.23 -10.41 12.97
C TYR B 59 -2.12 -11.40 13.25
N TYR B 60 -2.50 -12.59 13.70
CA TYR B 60 -1.51 -13.61 14.04
C TYR B 60 -1.86 -14.97 13.47
N ALA B 61 -0.85 -15.76 13.16
CA ALA B 61 -1.05 -17.16 12.80
C ALA B 61 -1.55 -17.93 14.03
N ASP B 62 -2.37 -18.95 13.80
CA ASP B 62 -2.95 -19.71 14.90
C ASP B 62 -1.89 -20.29 15.84
N SER B 63 -0.75 -20.66 15.29
CA SER B 63 0.30 -21.31 16.07
C SER B 63 1.05 -20.37 17.01
N VAL B 64 0.90 -19.06 16.80
CA VAL B 64 1.59 -18.09 17.65
C VAL B 64 0.62 -17.16 18.35
N LYS B 65 -0.64 -17.18 17.91
CA LYS B 65 -1.64 -16.31 18.49
C LYS B 65 -1.79 -16.56 19.97
N GLY B 66 -1.73 -15.50 20.76
CA GLY B 66 -1.86 -15.61 22.21
C GLY B 66 -0.49 -15.61 22.90
N ARG B 67 0.57 -15.81 22.13
CA ARG B 67 1.91 -15.82 22.69
C ARG B 67 2.77 -14.69 22.13
N PHE B 68 2.61 -14.42 20.83
CA PHE B 68 3.41 -13.39 20.18
C PHE B 68 2.63 -12.08 20.08
N THR B 69 3.32 -10.96 20.20
CA THR B 69 2.72 -9.65 20.01
C THR B 69 3.49 -8.86 18.96
N ILE B 70 2.77 -8.30 17.99
CA ILE B 70 3.39 -7.51 16.94
C ILE B 70 3.11 -6.03 17.19
N SER B 71 4.13 -5.21 17.04
CA SER B 71 3.99 -3.77 17.25
C SER B 71 4.97 -3.00 16.39
N ARG B 72 4.78 -1.70 16.31
CA ARG B 72 5.68 -0.87 15.51
C ARG B 72 5.77 0.54 16.06
N ASP B 73 6.85 1.23 15.72
CA ASP B 73 7.01 2.62 16.06
C ASP B 73 7.42 3.42 14.82
N ASN B 74 6.47 4.18 14.28
CA ASN B 74 6.68 4.86 13.01
C ASN B 74 7.58 6.08 13.13
N SER B 75 7.93 6.45 14.35
CA SER B 75 8.84 7.60 14.54
C SER B 75 10.29 7.13 14.46
N LYS B 76 10.49 5.82 14.56
CA LYS B 76 11.82 5.23 14.56
C LYS B 76 11.98 4.28 13.37
N ASN B 77 10.95 4.22 12.54
CA ASN B 77 10.93 3.30 11.40
C ASN B 77 11.31 1.89 11.83
N THR B 78 10.78 1.45 12.96
CA THR B 78 11.16 0.14 13.48
C THR B 78 9.96 -0.76 13.77
N LEU B 79 10.06 -1.99 13.31
CA LEU B 79 9.05 -3.02 13.53
C LEU B 79 9.51 -3.96 14.65
N TYR B 80 8.59 -4.34 15.53
CA TYR B 80 8.95 -5.22 16.64
C TYR B 80 8.10 -6.49 16.70
N LEU B 81 8.69 -7.56 17.22
CA LEU B 81 7.96 -8.77 17.53
C LEU B 81 8.35 -9.30 18.90
N GLN B 82 7.40 -9.30 19.83
CA GLN B 82 7.66 -9.75 21.19
C GLN B 82 7.15 -11.17 21.37
N MET B 83 8.08 -12.10 21.59
CA MET B 83 7.70 -13.50 21.69
C MET B 83 7.79 -14.00 23.12
N LYS B 84 6.67 -14.49 23.66
CA LYS B 84 6.66 -15.02 25.01
C LYS B 84 6.35 -16.52 24.99
N SER B 85 6.72 -17.20 26.07
CA SER B 85 6.48 -18.64 26.19
C SER B 85 6.99 -19.38 24.97
N LEU B 86 8.24 -19.10 24.59
CA LEU B 86 8.85 -19.74 23.44
C LEU B 86 9.03 -21.25 23.63
N ARG B 87 8.77 -21.99 22.57
CA ARG B 87 8.85 -23.44 22.57
C ARG B 87 10.00 -23.90 21.69
N ALA B 88 10.42 -25.16 21.86
CA ALA B 88 11.49 -25.70 21.03
C ALA B 88 11.13 -25.61 19.54
N GLU B 89 9.85 -25.77 19.25
CA GLU B 89 9.33 -25.77 17.88
C GLU B 89 9.37 -24.38 17.24
N ASP B 90 9.71 -23.35 18.03
CA ASP B 90 9.77 -21.99 17.51
C ASP B 90 11.15 -21.65 16.97
N THR B 91 12.07 -22.62 16.97
CA THR B 91 13.38 -22.37 16.41
C THR B 91 13.27 -22.12 14.90
N ALA B 92 13.73 -20.97 14.46
CA ALA B 92 13.60 -20.58 13.06
C ALA B 92 14.37 -19.32 12.75
N VAL B 93 14.57 -19.06 11.47
CA VAL B 93 15.05 -17.75 11.04
C VAL B 93 13.87 -16.83 10.83
N TYR B 94 13.87 -15.70 11.52
CA TYR B 94 12.77 -14.75 11.44
C TYR B 94 13.08 -13.61 10.51
N TYR B 95 12.19 -13.38 9.56
CA TYR B 95 12.33 -12.30 8.59
C TYR B 95 11.25 -11.24 8.84
N CYS B 96 11.59 -9.98 8.60
CA CYS B 96 10.61 -8.92 8.45
C CYS B 96 10.44 -8.66 6.96
N ALA B 97 9.22 -8.38 6.53
CA ALA B 97 8.99 -8.21 5.11
C ALA B 97 7.82 -7.30 4.80
N ASN B 98 7.89 -6.68 3.63
CA ASN B 98 6.79 -5.93 3.06
C ASN B 98 6.31 -6.70 1.85
N LEU B 99 5.26 -7.50 2.03
CA LEU B 99 4.86 -8.43 0.98
C LEU B 99 3.88 -7.78 0.01
N LYS B 100 4.06 -8.04 -1.29
CA LYS B 100 3.14 -7.47 -2.27
C LYS B 100 1.74 -8.01 -2.04
N ASP B 101 0.79 -7.09 -1.93
CA ASP B 101 -0.56 -7.40 -1.48
C ASP B 101 -1.59 -6.44 -2.04
N SER B 102 -2.45 -6.94 -2.92
CA SER B 102 -3.44 -6.11 -3.60
C SER B 102 -4.79 -6.09 -2.88
N ARG B 103 -4.86 -6.68 -1.69
CA ARG B 103 -6.12 -6.72 -0.95
C ARG B 103 -6.10 -6.00 0.39
N TYR B 104 -5.06 -6.24 1.18
CA TYR B 104 -5.08 -5.75 2.56
C TYR B 104 -4.15 -4.57 2.80
N SER B 105 -2.86 -4.75 2.52
CA SER B 105 -1.91 -3.67 2.80
C SER B 105 -1.74 -2.68 1.65
N GLY B 106 -2.08 -3.08 0.43
CA GLY B 106 -1.95 -2.18 -0.71
C GLY B 106 -0.50 -1.96 -1.12
N SER B 107 0.32 -2.97 -0.93
CA SER B 107 1.74 -2.86 -1.25
C SER B 107 2.01 -3.23 -2.70
N TYR B 108 2.73 -2.38 -3.40
CA TYR B 108 3.04 -2.64 -4.81
C TYR B 108 4.47 -3.14 -4.98
N TYR B 109 5.20 -3.21 -3.87
CA TYR B 109 6.59 -3.63 -3.91
C TYR B 109 6.84 -4.72 -2.88
N ASP B 110 7.78 -5.61 -3.17
CA ASP B 110 8.05 -6.73 -2.27
C ASP B 110 9.48 -6.65 -1.70
N TYR B 111 9.58 -6.47 -0.38
CA TYR B 111 10.88 -6.31 0.28
C TYR B 111 11.07 -7.34 1.39
N TRP B 112 12.28 -7.87 1.51
CA TRP B 112 12.62 -8.80 2.59
C TRP B 112 13.94 -8.42 3.26
N GLY B 113 14.04 -8.68 4.56
CA GLY B 113 15.31 -8.54 5.26
C GLY B 113 16.13 -9.83 5.14
N GLN B 114 17.32 -9.84 5.73
CA GLN B 114 18.17 -11.02 5.68
C GLN B 114 17.74 -12.08 6.70
N GLY B 115 17.07 -11.65 7.75
CA GLY B 115 16.56 -12.56 8.77
C GLY B 115 17.52 -12.72 9.95
N THR B 116 16.95 -13.05 11.11
CA THR B 116 17.74 -13.29 12.32
C THR B 116 17.37 -14.63 12.95
N LEU B 117 18.37 -15.38 13.38
CA LEU B 117 18.13 -16.72 13.89
C LEU B 117 17.78 -16.75 15.37
N VAL B 118 16.65 -17.38 15.68
CA VAL B 118 16.21 -17.57 17.05
C VAL B 118 16.23 -19.06 17.41
N THR B 119 16.99 -19.40 18.44
CA THR B 119 17.11 -20.78 18.88
C THR B 119 16.57 -20.96 20.28
N VAL B 120 15.71 -21.96 20.46
CA VAL B 120 15.17 -22.25 21.77
C VAL B 120 15.71 -23.61 22.25
N SER B 121 16.45 -23.58 23.37
CA SER B 121 17.14 -24.76 23.88
C SER B 121 17.47 -24.59 25.36
N GLN C 14 -2.32 3.51 -27.28
CA GLN C 14 -0.93 3.07 -27.38
C GLN C 14 -0.13 3.45 -26.13
N CYS C 15 0.35 2.44 -25.40
CA CYS C 15 1.17 2.62 -24.22
C CYS C 15 2.63 2.87 -24.59
N VAL C 16 3.28 3.73 -23.82
CA VAL C 16 4.70 4.03 -24.01
C VAL C 16 5.50 3.77 -22.73
N ASN C 17 6.58 3.00 -22.87
CA ASN C 17 7.45 2.66 -21.73
C ASN C 17 8.53 3.71 -21.54
N LEU C 18 8.34 4.57 -20.54
CA LEU C 18 9.24 5.70 -20.26
C LEU C 18 10.49 5.23 -19.53
N GLN C 23 14.59 3.65 -8.55
CA GLN C 23 13.70 4.12 -7.50
C GLN C 23 14.46 4.96 -6.47
N LEU C 24 14.04 6.24 -6.33
CA LEU C 24 14.64 7.16 -5.37
C LEU C 24 14.03 6.97 -3.98
N PRO C 25 14.78 7.28 -2.92
CA PRO C 25 14.34 7.32 -1.54
C PRO C 25 13.38 8.49 -1.34
N PRO C 26 12.47 8.40 -0.39
CA PRO C 26 11.45 9.38 -0.05
C PRO C 26 12.01 10.61 0.63
N ALA C 27 11.36 11.74 0.41
CA ALA C 27 11.62 12.96 1.15
C ALA C 27 10.40 13.24 2.01
N TYR C 28 10.58 13.96 3.11
CA TYR C 28 9.45 14.23 3.98
C TYR C 28 9.28 15.71 4.28
N THR C 29 8.03 16.12 4.44
CA THR C 29 7.70 17.47 4.89
C THR C 29 6.71 17.41 6.05
N ASN C 30 6.53 18.55 6.71
CA ASN C 30 5.68 18.62 7.90
C ASN C 30 4.33 19.25 7.61
N SER C 31 3.31 18.39 7.57
CA SER C 31 1.92 18.85 7.37
C SER C 31 1.55 19.55 8.65
N PHE C 32 1.86 20.81 8.75
CA PHE C 32 1.76 21.44 10.07
C PHE C 32 0.40 21.34 10.68
N THR C 33 -0.65 21.77 10.02
CA THR C 33 -2.01 21.80 10.58
C THR C 33 -2.83 21.79 9.31
N ARG C 34 -2.58 20.78 8.50
CA ARG C 34 -3.14 20.78 7.15
C ARG C 34 -3.94 19.50 6.90
N GLY C 35 -4.96 19.58 6.06
CA GLY C 35 -5.71 18.39 5.67
C GLY C 35 -7.07 18.26 6.38
N VAL C 36 -7.52 19.34 7.02
CA VAL C 36 -8.81 19.34 7.68
C VAL C 36 -9.90 19.73 6.71
N TYR C 37 -10.99 18.98 6.72
CA TYR C 37 -12.12 19.22 5.83
C TYR C 37 -13.42 19.32 6.61
N TYR C 38 -14.43 19.93 6.01
CA TYR C 38 -15.74 20.01 6.62
C TYR C 38 -16.36 18.62 6.67
N PRO C 39 -16.60 18.05 7.86
CA PRO C 39 -17.00 16.68 8.09
C PRO C 39 -18.38 16.36 7.51
N ASP C 40 -19.22 17.38 7.35
CA ASP C 40 -20.55 17.19 6.78
C ASP C 40 -21.05 18.48 6.13
N LYS C 41 -22.31 18.46 5.69
CA LYS C 41 -22.87 19.59 4.97
C LYS C 41 -23.84 20.41 5.83
N VAL C 42 -23.75 20.24 7.14
CA VAL C 42 -24.62 20.97 8.05
C VAL C 42 -24.01 22.31 8.42
N PHE C 43 -24.78 23.38 8.28
CA PHE C 43 -24.29 24.70 8.62
C PHE C 43 -24.20 24.89 10.13
N ARG C 44 -23.06 25.38 10.57
CA ARG C 44 -22.85 25.71 11.98
C ARG C 44 -22.11 27.03 12.05
N SER C 45 -22.33 27.79 13.11
CA SER C 45 -21.61 29.05 13.28
C SER C 45 -21.41 29.38 14.75
N SER C 46 -20.33 30.10 15.04
CA SER C 46 -20.02 30.54 16.41
C SER C 46 -20.12 29.39 17.40
N VAL C 47 -19.48 28.27 17.09
CA VAL C 47 -19.57 27.08 17.92
C VAL C 47 -18.35 26.18 17.80
N LEU C 48 -18.00 25.49 18.88
CA LEU C 48 -16.95 24.49 18.82
C LEU C 48 -17.56 23.10 18.71
N HIS C 49 -17.29 22.43 17.60
CA HIS C 49 -17.91 21.14 17.32
C HIS C 49 -16.90 20.01 17.37
N SER C 50 -17.20 18.99 18.19
CA SER C 50 -16.32 17.84 18.32
C SER C 50 -16.80 16.70 17.44
N THR C 51 -15.91 16.19 16.60
CA THR C 51 -16.27 15.11 15.68
C THR C 51 -15.17 14.08 15.52
N GLN C 52 -15.57 12.84 15.24
CA GLN C 52 -14.61 11.76 14.98
C GLN C 52 -14.73 11.29 13.54
N ASP C 53 -13.62 11.37 12.81
CA ASP C 53 -13.60 11.00 11.39
C ASP C 53 -12.17 10.73 10.97
N LEU C 54 -11.99 10.39 9.69
CA LEU C 54 -10.65 10.15 9.19
C LEU C 54 -10.00 11.45 8.76
N PHE C 55 -9.05 11.92 9.57
CA PHE C 55 -8.37 13.18 9.35
C PHE C 55 -6.87 12.96 9.26
N LEU C 56 -6.16 13.87 8.60
CA LEU C 56 -4.72 13.80 8.61
C LEU C 56 -4.22 14.32 9.96
N PRO C 57 -3.47 13.53 10.73
CA PRO C 57 -2.92 13.89 12.03
C PRO C 57 -2.09 15.15 11.91
N PHE C 58 -2.09 15.97 12.95
CA PHE C 58 -1.30 17.18 12.92
C PHE C 58 0.19 16.90 13.05
N PHE C 59 0.99 17.70 12.36
CA PHE C 59 2.44 17.60 12.37
C PHE C 59 2.95 16.22 11.95
N SER C 60 2.28 15.59 11.01
CA SER C 60 2.68 14.27 10.53
C SER C 60 3.76 14.38 9.45
N ASN C 61 4.44 13.25 9.17
CA ASN C 61 5.47 13.17 8.14
C ASN C 61 4.86 12.75 6.80
N VAL C 62 4.70 13.73 5.90
CA VAL C 62 4.07 13.54 4.59
C VAL C 62 5.13 13.33 3.52
N THR C 63 4.91 12.34 2.66
CA THR C 63 5.91 11.98 1.65
C THR C 63 5.87 12.96 0.48
N TRP C 64 7.05 13.47 0.13
CA TRP C 64 7.21 14.49 -0.90
C TRP C 64 7.79 13.91 -2.20
N PHE C 65 7.02 14.02 -3.28
CA PHE C 65 7.40 13.51 -4.59
C PHE C 65 7.58 14.66 -5.59
N HIS C 66 8.42 14.47 -6.59
CA HIS C 66 8.60 15.48 -7.63
C HIS C 66 7.93 15.06 -8.95
N ALA C 67 7.16 15.98 -9.55
CA ALA C 67 6.43 15.70 -10.79
C ALA C 67 7.23 16.18 -11.99
N ASP C 80 9.38 9.86 -11.25
CA ASP C 80 9.06 9.74 -9.83
C ASP C 80 7.53 9.66 -9.64
N ASN C 81 6.94 8.55 -10.10
CA ASN C 81 5.50 8.33 -10.01
C ASN C 81 5.17 6.88 -9.68
N PRO C 82 5.48 6.43 -8.47
CA PRO C 82 5.31 5.09 -7.97
C PRO C 82 3.84 4.82 -7.67
N VAL C 83 3.48 3.55 -7.59
CA VAL C 83 2.17 3.18 -7.11
C VAL C 83 2.17 3.17 -5.59
N LEU C 84 1.25 3.91 -5.01
CA LEU C 84 1.20 4.08 -3.57
C LEU C 84 -0.02 3.38 -2.99
N PRO C 85 0.03 2.97 -1.72
CA PRO C 85 -1.08 2.43 -0.96
C PRO C 85 -2.11 3.51 -0.73
N PHE C 86 -3.38 3.12 -0.63
CA PHE C 86 -4.46 4.05 -0.36
C PHE C 86 -4.81 4.03 1.13
N ASN C 87 -4.62 2.88 1.76
CA ASN C 87 -4.96 2.70 3.17
C ASN C 87 -6.39 3.10 3.47
N ASP C 88 -6.59 4.02 4.42
CA ASP C 88 -7.93 4.41 4.84
C ASP C 88 -8.38 5.70 4.19
N GLY C 89 -7.56 6.21 3.28
CA GLY C 89 -7.85 7.49 2.64
C GLY C 89 -6.56 8.27 2.46
N VAL C 90 -6.56 9.16 1.49
CA VAL C 90 -5.35 9.88 1.12
C VAL C 90 -5.48 11.39 1.11
N TYR C 91 -4.53 12.04 1.75
CA TYR C 91 -4.39 13.49 1.61
C TYR C 91 -3.40 13.78 0.51
N PHE C 92 -3.85 14.47 -0.53
CA PHE C 92 -3.00 14.74 -1.67
C PHE C 92 -2.92 16.23 -1.94
N ALA C 93 -1.71 16.76 -1.94
CA ALA C 93 -1.53 18.19 -2.19
C ALA C 93 -0.49 18.41 -3.27
N SER C 94 -0.67 19.44 -4.06
CA SER C 94 0.31 19.74 -5.07
C SER C 94 0.57 21.23 -5.22
N ILE C 95 1.81 21.57 -5.54
CA ILE C 95 2.19 22.94 -5.81
C ILE C 95 2.78 23.05 -7.21
N GLU C 96 2.09 23.77 -8.08
CA GLU C 96 2.51 23.90 -9.47
C GLU C 96 1.97 25.16 -10.11
N LYS C 97 2.63 25.61 -11.17
CA LYS C 97 2.14 26.73 -11.95
C LYS C 97 1.95 26.35 -13.43
N SER C 98 2.15 25.08 -13.75
CA SER C 98 2.10 24.63 -15.14
C SER C 98 1.12 23.49 -15.40
N ASN C 99 0.27 23.18 -14.42
CA ASN C 99 -0.75 22.14 -14.60
C ASN C 99 -0.16 20.81 -15.09
N ILE C 100 0.80 20.27 -14.34
CA ILE C 100 1.42 19.01 -14.68
C ILE C 100 0.57 17.84 -14.20
N ILE C 101 0.06 17.96 -12.99
CA ILE C 101 -0.78 16.89 -12.46
C ILE C 101 -2.19 17.02 -13.01
N ARG C 102 -2.67 15.97 -13.67
CA ARG C 102 -3.96 16.04 -14.35
C ARG C 102 -5.00 15.12 -13.73
N GLY C 103 -4.58 14.04 -13.09
CA GLY C 103 -5.56 13.10 -12.60
C GLY C 103 -4.96 11.98 -11.75
N TRP C 104 -5.80 11.02 -11.39
CA TRP C 104 -5.41 9.93 -10.53
C TRP C 104 -6.01 8.61 -10.97
N ILE C 105 -5.34 7.52 -10.66
CA ILE C 105 -5.87 6.18 -10.84
C ILE C 105 -6.06 5.51 -9.50
N PHE C 106 -7.27 5.06 -9.22
CA PHE C 106 -7.56 4.37 -7.97
C PHE C 106 -8.08 2.97 -8.24
N GLY C 107 -7.58 1.99 -7.51
CA GLY C 107 -8.07 0.63 -7.69
C GLY C 107 -7.35 -0.35 -6.79
N THR C 108 -7.39 -1.62 -7.16
CA THR C 108 -6.77 -2.68 -6.40
C THR C 108 -5.67 -3.34 -7.23
N THR C 109 -6.08 -4.25 -8.09
CA THR C 109 -5.15 -4.97 -8.97
C THR C 109 -4.54 -4.02 -10.00
N LEU C 110 -5.35 -3.08 -10.48
CA LEU C 110 -4.96 -2.10 -11.49
C LEU C 110 -4.70 -2.74 -12.86
N ASP C 111 -5.50 -3.75 -13.19
CA ASP C 111 -5.48 -4.35 -14.52
C ASP C 111 -6.90 -4.77 -14.88
N SER C 112 -7.04 -5.48 -16.02
CA SER C 112 -8.34 -5.84 -16.56
C SER C 112 -9.14 -6.81 -15.68
N LYS C 113 -8.53 -7.32 -14.62
CA LYS C 113 -9.21 -8.28 -13.75
C LYS C 113 -10.29 -7.65 -12.87
N THR C 114 -10.13 -6.36 -12.52
CA THR C 114 -11.07 -5.73 -11.61
C THR C 114 -11.50 -4.34 -12.07
N GLN C 115 -12.58 -3.83 -11.49
CA GLN C 115 -13.02 -2.47 -11.76
C GLN C 115 -12.04 -1.47 -11.16
N SER C 116 -11.71 -0.43 -11.92
CA SER C 116 -10.82 0.62 -11.43
C SER C 116 -11.38 1.99 -11.74
N LEU C 117 -11.06 2.96 -10.90
CA LEU C 117 -11.54 4.32 -11.03
C LEU C 117 -10.51 5.27 -11.64
N LEU C 118 -10.88 5.88 -12.76
CA LEU C 118 -10.00 6.80 -13.46
C LEU C 118 -10.55 8.22 -13.44
N ILE C 119 -9.80 9.13 -12.82
CA ILE C 119 -10.21 10.53 -12.77
C ILE C 119 -9.21 11.40 -13.51
N VAL C 120 -9.64 12.01 -14.61
CA VAL C 120 -8.75 12.87 -15.37
C VAL C 120 -9.36 14.23 -15.69
N ASN C 121 -8.52 15.25 -15.71
CA ASN C 121 -8.97 16.60 -16.05
C ASN C 121 -8.33 17.10 -17.33
N ASN C 122 -9.16 17.46 -18.33
CA ASN C 122 -8.67 18.07 -19.55
C ASN C 122 -9.05 19.57 -19.56
N ALA C 123 -8.79 20.26 -20.66
CA ALA C 123 -8.93 21.72 -20.73
C ALA C 123 -10.33 22.24 -20.43
N THR C 124 -11.36 21.41 -20.59
CA THR C 124 -12.73 21.91 -20.41
C THR C 124 -13.57 21.13 -19.38
N ASN C 125 -13.25 19.85 -19.17
CA ASN C 125 -14.09 19.01 -18.32
C ASN C 125 -13.31 18.00 -17.50
N VAL C 126 -13.92 17.53 -16.41
CA VAL C 126 -13.38 16.41 -15.66
C VAL C 126 -14.13 15.15 -16.03
N VAL C 127 -13.38 14.11 -16.35
CA VAL C 127 -13.98 12.86 -16.78
C VAL C 127 -13.69 11.75 -15.80
N ILE C 128 -14.75 11.18 -15.24
CA ILE C 128 -14.59 10.11 -14.28
C ILE C 128 -15.26 8.83 -14.77
N LYS C 129 -14.48 7.77 -14.87
CA LYS C 129 -15.00 6.49 -15.34
C LYS C 129 -14.56 5.34 -14.45
N VAL C 130 -15.44 4.35 -14.31
CA VAL C 130 -15.08 3.12 -13.63
C VAL C 130 -15.29 1.93 -14.55
N CYS C 131 -14.19 1.28 -14.93
CA CYS C 131 -14.19 0.21 -15.93
C CYS C 131 -13.11 -0.81 -15.60
N GLU C 132 -13.12 -1.93 -16.31
CA GLU C 132 -12.03 -2.90 -16.18
C GLU C 132 -10.90 -2.46 -17.09
N PHE C 133 -10.17 -1.45 -16.63
CA PHE C 133 -9.10 -0.84 -17.40
C PHE C 133 -7.87 -1.72 -17.41
N GLN C 134 -7.26 -1.83 -18.56
CA GLN C 134 -5.93 -2.44 -18.63
C GLN C 134 -4.91 -1.34 -18.74
N PHE C 135 -4.39 -0.93 -17.59
CA PHE C 135 -3.54 0.25 -17.51
C PHE C 135 -2.17 -0.02 -18.08
N CYS C 136 -1.53 1.03 -18.60
CA CYS C 136 -0.16 0.98 -19.11
C CYS C 136 0.82 0.77 -17.96
N ASN C 137 2.00 0.26 -18.28
CA ASN C 137 3.03 0.06 -17.27
C ASN C 137 3.43 1.37 -16.62
N ASP C 138 3.34 2.45 -17.40
CA ASP C 138 3.68 3.78 -16.94
C ASP C 138 2.80 4.81 -17.65
N PRO C 139 1.56 5.01 -17.16
CA PRO C 139 0.50 5.79 -17.78
C PRO C 139 0.75 7.28 -17.66
N PHE C 140 0.36 8.04 -18.68
CA PHE C 140 0.51 9.49 -18.67
C PHE C 140 -0.29 10.15 -19.78
N LEU C 141 -0.33 11.48 -19.76
CA LEU C 141 -0.93 12.23 -20.85
C LEU C 141 0.16 12.85 -21.72
N ASP C 142 0.08 12.63 -23.02
CA ASP C 142 1.08 13.11 -23.98
C ASP C 142 0.67 14.45 -24.56
N VAL C 143 1.40 15.52 -24.22
CA VAL C 143 1.00 16.86 -24.63
C VAL C 143 1.86 17.39 -25.79
N TYR C 144 1.19 17.77 -26.87
CA TYR C 144 1.94 18.35 -28.01
C TYR C 144 1.64 19.84 -28.04
N MET C 153 -1.32 22.51 -25.64
CA MET C 153 -2.38 22.70 -26.66
C MET C 153 -3.26 21.45 -26.72
N LYS C 154 -2.98 20.54 -27.64
CA LYS C 154 -3.71 19.28 -27.75
C LYS C 154 -2.93 18.17 -27.04
N SER C 155 -3.63 17.10 -26.67
CA SER C 155 -3.00 15.99 -25.99
C SER C 155 -3.64 14.65 -26.34
N GLU C 156 -2.90 13.58 -26.10
CA GLU C 156 -3.38 12.22 -26.30
C GLU C 156 -3.23 11.41 -25.03
N PHE C 157 -4.28 10.69 -24.66
CA PHE C 157 -4.23 9.88 -23.45
C PHE C 157 -3.51 8.57 -23.68
N ARG C 158 -2.52 8.28 -22.85
CA ARG C 158 -1.81 7.03 -22.91
C ARG C 158 -1.85 6.39 -21.53
N VAL C 159 -3.07 6.09 -21.10
CA VAL C 159 -3.32 5.63 -19.74
C VAL C 159 -3.63 4.14 -19.71
N TYR C 160 -4.44 3.71 -20.68
CA TYR C 160 -4.88 2.33 -20.75
C TYR C 160 -5.01 1.87 -22.19
N SER C 161 -4.92 0.56 -22.40
CA SER C 161 -5.08 -0.02 -23.73
C SER C 161 -6.51 -0.47 -24.00
N SER C 162 -7.29 -0.64 -22.93
CA SER C 162 -8.69 -1.05 -23.04
C SER C 162 -9.49 -0.65 -21.82
N ALA C 163 -10.81 -0.59 -21.97
CA ALA C 163 -11.72 -0.25 -20.88
C ALA C 163 -13.04 -1.00 -21.01
N ASN C 164 -13.04 -2.24 -20.54
CA ASN C 164 -14.19 -3.12 -20.74
C ASN C 164 -15.17 -3.07 -19.56
N ASN C 165 -16.43 -3.45 -19.79
CA ASN C 165 -17.43 -3.63 -18.75
C ASN C 165 -17.53 -2.41 -17.83
N CYS C 166 -17.71 -1.22 -18.42
CA CYS C 166 -17.83 0.03 -17.66
C CYS C 166 -19.13 0.07 -16.86
N THR C 167 -19.02 0.50 -15.59
CA THR C 167 -20.18 0.52 -14.70
C THR C 167 -20.58 1.93 -14.27
N PHE C 168 -19.65 2.88 -14.36
CA PHE C 168 -19.93 4.24 -13.90
C PHE C 168 -19.28 5.28 -14.79
N GLU C 169 -20.01 6.36 -15.05
CA GLU C 169 -19.45 7.50 -15.79
C GLU C 169 -20.03 8.82 -15.27
N TYR C 170 -19.14 9.79 -15.09
CA TYR C 170 -19.53 11.11 -14.61
C TYR C 170 -18.70 12.21 -15.30
N VAL C 171 -19.37 13.26 -15.75
CA VAL C 171 -18.68 14.38 -16.36
C VAL C 171 -19.16 15.71 -15.77
N SER C 172 -18.22 16.56 -15.40
CA SER C 172 -18.55 17.87 -14.85
C SER C 172 -17.43 18.88 -15.13
N GLN C 173 -17.39 19.94 -14.33
CA GLN C 173 -16.37 20.97 -14.49
C GLN C 173 -15.05 20.50 -13.87
N PRO C 174 -13.90 20.99 -14.36
CA PRO C 174 -12.57 20.64 -13.92
C PRO C 174 -12.38 20.79 -12.42
N PHE C 175 -11.71 19.81 -11.82
CA PHE C 175 -11.39 19.86 -10.39
C PHE C 175 -10.19 20.75 -10.13
N LEU C 176 -9.27 20.76 -11.09
CA LEU C 176 -8.01 21.50 -10.95
C LEU C 176 -8.14 22.96 -11.40
N MET C 177 -8.95 23.21 -12.43
CA MET C 177 -9.12 24.53 -13.03
C MET C 177 -10.43 25.16 -12.58
N PHE C 186 3.29 33.77 -8.51
CA PHE C 186 3.07 32.78 -7.45
C PHE C 186 2.74 31.41 -8.05
N LYS C 187 2.56 30.41 -7.18
CA LYS C 187 2.19 29.06 -7.58
C LYS C 187 0.81 28.71 -7.03
N ASN C 188 0.17 27.71 -7.63
CA ASN C 188 -1.14 27.27 -7.17
C ASN C 188 -1.03 26.06 -6.27
N LEU C 189 -1.59 26.17 -5.06
CA LEU C 189 -1.64 25.04 -4.14
C LEU C 189 -3.00 24.38 -4.18
N ARG C 190 -3.03 23.14 -4.62
CA ARG C 190 -4.28 22.40 -4.75
C ARG C 190 -4.31 21.22 -3.79
N GLU C 191 -5.26 21.25 -2.87
CA GLU C 191 -5.36 20.20 -1.86
C GLU C 191 -6.59 19.35 -2.07
N PHE C 192 -6.42 18.03 -1.98
CA PHE C 192 -7.51 17.09 -2.11
C PHE C 192 -7.51 16.06 -1.00
N VAL C 193 -8.69 15.61 -0.61
CA VAL C 193 -8.83 14.48 0.30
C VAL C 193 -9.71 13.40 -0.33
N PHE C 194 -9.16 12.20 -0.42
CA PHE C 194 -9.86 11.08 -1.03
C PHE C 194 -10.25 10.02 -0.02
N LYS C 195 -11.55 9.82 0.15
CA LYS C 195 -12.06 8.80 1.07
C LYS C 195 -12.90 7.78 0.31
N ASN C 196 -12.97 6.56 0.84
CA ASN C 196 -13.80 5.53 0.20
C ASN C 196 -14.59 4.76 1.25
N ILE C 197 -15.78 5.26 1.58
CA ILE C 197 -16.57 4.70 2.67
C ILE C 197 -17.93 4.22 2.22
N ASP C 198 -18.22 2.95 2.51
CA ASP C 198 -19.51 2.34 2.19
C ASP C 198 -19.86 2.47 0.72
N GLY C 199 -18.85 2.35 -0.14
CA GLY C 199 -19.07 2.39 -1.58
C GLY C 199 -19.01 3.79 -2.17
N TYR C 200 -18.95 4.81 -1.31
CA TYR C 200 -18.92 6.17 -1.80
C TYR C 200 -17.51 6.74 -1.81
N PHE C 201 -17.10 7.23 -2.99
CA PHE C 201 -15.79 7.85 -3.12
C PHE C 201 -15.96 9.35 -2.95
N LYS C 202 -15.50 9.86 -1.83
CA LYS C 202 -15.74 11.24 -1.46
C LYS C 202 -14.51 12.11 -1.69
N ILE C 203 -14.69 13.21 -2.40
CA ILE C 203 -13.59 14.11 -2.67
C ILE C 203 -13.83 15.48 -2.07
N TYR C 204 -12.85 15.97 -1.32
CA TYR C 204 -12.87 17.32 -0.77
C TYR C 204 -11.72 18.10 -1.40
N SER C 205 -11.86 19.41 -1.54
CA SER C 205 -10.78 20.17 -2.15
C SER C 205 -10.70 21.63 -1.70
N LYS C 206 -9.52 22.21 -1.89
CA LYS C 206 -9.28 23.63 -1.66
C LYS C 206 -8.18 24.16 -2.59
N HIS C 207 -8.39 25.35 -3.13
CA HIS C 207 -7.39 25.98 -3.99
C HIS C 207 -7.00 27.37 -3.51
N THR C 208 -5.72 27.54 -3.18
CA THR C 208 -5.21 28.84 -2.77
C THR C 208 -3.89 29.14 -3.48
N PRO C 209 -3.51 30.42 -3.63
CA PRO C 209 -2.19 30.90 -3.98
C PRO C 209 -1.17 30.55 -2.91
N ILE C 210 0.05 30.24 -3.33
CA ILE C 210 1.16 29.99 -2.40
C ILE C 210 2.44 30.68 -2.87
N ASN C 211 3.20 31.23 -1.92
CA ASN C 211 4.43 31.94 -2.22
C ASN C 211 5.67 31.29 -1.61
N LEU C 212 5.60 29.99 -1.38
CA LEU C 212 6.73 29.25 -0.81
C LEU C 212 7.47 28.48 -1.88
N VAL C 213 8.74 28.19 -1.63
CA VAL C 213 9.58 27.55 -2.64
C VAL C 213 9.42 26.03 -2.70
N ARG C 214 9.49 25.36 -1.55
CA ARG C 214 9.53 23.90 -1.57
C ARG C 214 8.94 23.22 -0.33
N ASP C 215 7.83 23.75 0.19
CA ASP C 215 7.20 23.12 1.34
C ASP C 215 5.74 23.50 1.46
N LEU C 216 5.06 22.93 2.46
CA LEU C 216 3.67 23.27 2.74
C LEU C 216 3.62 24.49 3.65
N PRO C 217 2.60 25.33 3.50
CA PRO C 217 2.35 26.53 4.28
C PRO C 217 1.85 26.22 5.68
N GLN C 218 2.08 27.15 6.59
CA GLN C 218 1.51 27.09 7.92
C GLN C 218 0.21 27.87 7.96
N GLY C 219 -0.69 27.47 8.85
CA GLY C 219 -1.97 28.15 8.98
C GLY C 219 -3.09 27.19 8.72
N PHE C 220 -4.32 27.62 8.98
CA PHE C 220 -5.46 26.72 8.84
C PHE C 220 -6.33 27.08 7.65
N SER C 221 -6.73 26.05 6.90
CA SER C 221 -7.66 26.20 5.79
C SER C 221 -8.44 24.91 5.58
N ALA C 222 -9.76 24.97 5.74
CA ALA C 222 -10.58 23.78 5.63
C ALA C 222 -10.95 23.49 4.18
N LEU C 223 -11.01 22.20 3.85
CA LEU C 223 -11.37 21.74 2.51
C LEU C 223 -12.86 21.47 2.40
N GLU C 224 -13.45 21.91 1.29
CA GLU C 224 -14.89 21.78 1.09
C GLU C 224 -15.20 20.55 0.25
N PRO C 225 -16.37 19.93 0.42
CA PRO C 225 -16.91 18.85 -0.39
C PRO C 225 -16.91 19.26 -1.85
N LEU C 226 -16.46 18.35 -2.72
CA LEU C 226 -16.40 18.61 -4.15
C LEU C 226 -17.39 17.72 -4.90
N VAL C 227 -17.28 16.42 -4.68
CA VAL C 227 -18.16 15.45 -5.32
C VAL C 227 -18.25 14.18 -4.50
N ASP C 228 -19.39 13.49 -4.58
CA ASP C 228 -19.59 12.23 -3.88
C ASP C 228 -20.10 11.17 -4.86
N LEU C 229 -19.22 10.24 -5.20
CA LEU C 229 -19.49 9.28 -6.29
C LEU C 229 -19.93 7.90 -5.78
N PRO C 230 -21.14 7.45 -6.14
CA PRO C 230 -21.75 6.19 -5.78
C PRO C 230 -21.20 5.06 -6.63
N ILE C 231 -19.94 4.69 -6.40
CA ILE C 231 -19.25 3.75 -7.27
C ILE C 231 -19.35 2.29 -6.81
N GLY C 232 -19.08 2.04 -5.54
CA GLY C 232 -19.18 0.67 -5.00
C GLY C 232 -18.00 -0.24 -5.28
N ILE C 233 -16.77 0.28 -5.31
CA ILE C 233 -15.60 -0.57 -5.54
C ILE C 233 -14.57 -0.42 -4.43
N ASN C 234 -13.68 -1.41 -4.30
CA ASN C 234 -12.55 -1.38 -3.38
C ASN C 234 -11.37 -0.62 -3.97
N ILE C 235 -10.68 0.17 -3.12
CA ILE C 235 -9.46 0.87 -3.49
C ILE C 235 -8.37 0.57 -2.47
N THR C 236 -7.24 0.06 -2.92
CA THR C 236 -6.12 -0.24 -2.03
C THR C 236 -4.84 0.42 -2.48
N ARG C 237 -4.77 0.78 -3.76
CA ARG C 237 -3.59 1.40 -4.34
C ARG C 237 -3.98 2.51 -5.31
N PHE C 238 -3.08 3.48 -5.51
CA PHE C 238 -3.36 4.53 -6.48
C PHE C 238 -2.07 5.07 -7.12
N GLN C 239 -2.23 5.76 -8.24
CA GLN C 239 -1.11 6.34 -8.97
C GLN C 239 -1.50 7.72 -9.52
N THR C 240 -0.51 8.58 -9.73
CA THR C 240 -0.80 9.94 -10.19
C THR C 240 -0.56 10.08 -11.70
N LEU C 241 -1.50 10.70 -12.40
CA LEU C 241 -1.33 10.94 -13.83
C LEU C 241 -0.77 12.32 -14.11
N LEU C 242 0.38 12.33 -14.76
CA LEU C 242 1.09 13.57 -15.07
C LEU C 242 1.01 13.88 -16.56
N ALA C 243 1.06 15.16 -16.90
CA ALA C 243 1.14 15.60 -18.28
C ALA C 243 2.59 15.78 -18.68
N LEU C 244 3.01 15.04 -19.68
CA LEU C 244 4.38 15.12 -20.15
C LEU C 244 4.41 15.68 -21.56
N HIS C 245 5.19 16.74 -21.75
CA HIS C 245 5.26 17.40 -23.04
C HIS C 245 6.30 16.72 -23.94
N ARG C 246 6.05 16.74 -25.25
CA ARG C 246 6.97 16.22 -26.25
C ARG C 246 8.28 17.01 -26.25
N ALA C 263 6.91 21.53 -10.48
CA ALA C 263 5.71 20.87 -9.98
C ALA C 263 6.08 19.70 -9.06
N ALA C 264 5.45 19.64 -7.89
CA ALA C 264 5.66 18.59 -6.90
C ALA C 264 4.39 18.30 -6.14
N TYR C 265 4.30 17.12 -5.53
CA TYR C 265 3.12 16.76 -4.77
C TYR C 265 3.44 15.99 -3.50
N TYR C 266 2.50 16.02 -2.56
CA TYR C 266 2.68 15.45 -1.24
C TYR C 266 1.58 14.45 -0.92
N VAL C 267 1.93 13.32 -0.32
CA VAL C 267 0.95 12.31 0.01
C VAL C 267 0.97 11.91 1.48
N GLY C 268 -0.16 12.09 2.15
CA GLY C 268 -0.31 11.71 3.55
C GLY C 268 -1.45 10.73 3.71
N TYR C 269 -1.62 10.18 4.90
CA TYR C 269 -2.68 9.20 5.12
C TYR C 269 -3.54 9.55 6.32
N LEU C 270 -4.83 9.28 6.19
CA LEU C 270 -5.80 9.64 7.20
C LEU C 270 -5.89 8.62 8.32
N GLN C 271 -6.26 9.07 9.50
CA GLN C 271 -6.45 8.20 10.66
C GLN C 271 -7.74 8.54 11.39
N PRO C 272 -8.34 7.57 12.10
CA PRO C 272 -9.51 7.72 12.95
C PRO C 272 -9.17 8.57 14.17
N ARG C 273 -9.25 9.88 13.98
CA ARG C 273 -8.86 10.86 14.99
C ARG C 273 -10.04 11.71 15.44
N THR C 274 -9.98 12.21 16.66
CA THR C 274 -11.00 13.11 17.17
C THR C 274 -10.52 14.55 17.07
N PHE C 275 -11.33 15.38 16.43
CA PHE C 275 -11.00 16.79 16.26
C PHE C 275 -12.01 17.73 16.89
N LEU C 276 -11.51 18.82 17.44
CA LEU C 276 -12.36 19.92 17.88
C LEU C 276 -12.28 21.04 16.85
N LEU C 277 -13.39 21.32 16.18
CA LEU C 277 -13.39 22.29 15.09
C LEU C 277 -14.06 23.59 15.50
N LYS C 278 -13.38 24.71 15.25
CA LYS C 278 -13.90 26.02 15.60
C LYS C 278 -14.57 26.73 14.43
N TYR C 279 -15.89 26.90 14.52
CA TYR C 279 -16.65 27.60 13.50
C TYR C 279 -16.83 29.07 13.87
N ASN C 280 -16.49 29.96 12.95
CA ASN C 280 -16.60 31.40 13.21
C ASN C 280 -18.00 31.90 12.92
N GLU C 281 -18.19 33.22 12.99
CA GLU C 281 -19.52 33.80 12.82
C GLU C 281 -20.09 33.69 11.40
N ASN C 282 -19.25 33.35 10.41
CA ASN C 282 -19.67 33.19 9.02
C ASN C 282 -19.81 31.71 8.63
N GLY C 283 -19.67 30.82 9.62
CA GLY C 283 -19.85 29.38 9.43
C GLY C 283 -18.65 28.68 8.81
N THR C 284 -17.46 29.28 8.89
CA THR C 284 -16.29 28.63 8.35
C THR C 284 -15.40 28.15 9.48
N ILE C 285 -14.53 27.19 9.18
CA ILE C 285 -13.64 26.68 10.21
C ILE C 285 -12.34 27.47 10.19
N THR C 286 -11.96 28.03 11.33
CA THR C 286 -10.78 28.87 11.41
C THR C 286 -9.64 28.22 12.19
N ASP C 287 -9.96 27.17 12.94
CA ASP C 287 -8.96 26.48 13.73
C ASP C 287 -9.39 25.06 14.03
N ALA C 288 -8.52 24.27 14.65
CA ALA C 288 -8.86 22.92 15.04
C ALA C 288 -7.84 22.35 16.05
N VAL C 289 -8.30 21.42 16.88
CA VAL C 289 -7.41 20.71 17.81
C VAL C 289 -7.41 19.21 17.55
N ASP C 290 -6.21 18.65 17.38
CA ASP C 290 -6.03 17.20 17.24
C ASP C 290 -5.92 16.59 18.64
N CYS C 291 -6.99 15.93 19.08
CA CYS C 291 -7.17 15.53 20.48
C CYS C 291 -6.17 14.45 20.90
N ALA C 292 -5.46 13.87 19.95
CA ALA C 292 -4.51 12.80 20.28
C ALA C 292 -3.08 13.20 19.95
N LEU C 293 -2.85 14.49 19.72
CA LEU C 293 -1.52 14.98 19.40
C LEU C 293 -0.60 15.00 20.61
N ASP C 294 -1.07 15.59 21.70
CA ASP C 294 -0.27 15.72 22.92
C ASP C 294 -1.22 15.96 24.11
N PRO C 295 -0.73 15.93 25.36
CA PRO C 295 -1.48 16.10 26.59
C PRO C 295 -2.19 17.45 26.70
N LEU C 296 -1.71 18.46 25.98
CA LEU C 296 -2.33 19.78 26.06
C LEU C 296 -3.54 19.82 25.16
N SER C 297 -3.42 19.22 23.99
CA SER C 297 -4.50 19.15 23.04
C SER C 297 -5.63 18.31 23.60
N GLU C 298 -5.26 17.25 24.34
CA GLU C 298 -6.26 16.41 24.98
C GLU C 298 -7.05 17.22 26.01
N THR C 299 -6.34 18.05 26.77
CA THR C 299 -6.98 18.92 27.76
C THR C 299 -7.92 19.91 27.08
N LYS C 300 -7.46 20.52 25.98
CA LYS C 300 -8.29 21.47 25.23
C LYS C 300 -9.58 20.84 24.73
N CYS C 301 -9.50 19.60 24.23
CA CYS C 301 -10.68 18.88 23.75
C CYS C 301 -11.64 18.54 24.89
N THR C 302 -11.08 18.11 26.02
CA THR C 302 -11.88 17.75 27.18
C THR C 302 -12.70 18.93 27.68
N LEU C 303 -12.08 20.10 27.70
CA LEU C 303 -12.74 21.30 28.18
C LEU C 303 -13.44 22.08 27.07
N LYS C 304 -13.36 21.56 25.85
CA LYS C 304 -13.91 22.25 24.69
C LYS C 304 -13.50 23.72 24.67
N SER C 305 -12.20 23.97 24.78
CA SER C 305 -11.69 25.34 24.80
C SER C 305 -10.30 25.42 24.16
N PHE C 306 -10.17 26.30 23.20
CA PHE C 306 -8.87 26.45 22.56
C PHE C 306 -8.00 27.19 23.55
#